data_2EUK
#
_entry.id   2EUK
#
_cell.length_a   75.867
_cell.length_b   49.304
_cell.length_c   68.655
_cell.angle_alpha   90.00
_cell.angle_beta   122.61
_cell.angle_gamma   90.00
#
_symmetry.space_group_name_H-M   'C 1 2 1'
#
loop_
_entity.id
_entity.type
_entity.pdbx_description
1 polymer 'Glycolipid transfer protein'
2 non-polymer beta-D-galactopyranose
3 non-polymer SPHINGOSINE
4 non-polymer '(15E)-TETRACOS-15-ENOIC ACID'
5 non-polymer N-OCTANE
6 water water
#
_entity_poly.entity_id   1
_entity_poly.type   'polypeptide(L)'
_entity_poly.pdbx_seq_one_letter_code
;MALLAEHLLKPLPADKQIETGPFLEAVSHLPPFFDCLGSPVFTPIKADISGNITKIKAVYDTNPAKFRTLQNILEVEKEM
YGAEWPKVGATLALMWLKRGLRFIQVFLQSICDGERDENHPNLIRVNATKAYEMALKKYHGWIVQKIFQAALYAAPYKSD
FLKALSKGQNVTEEECLEKIRLFLVNYTATIDVIYEMYTQMNAELNYKV
;
_entity_poly.pdbx_strand_id   A
#
loop_
_chem_comp.id
_chem_comp.type
_chem_comp.name
_chem_comp.formula
GAL D-saccharide, beta linking beta-D-galactopyranose 'C6 H12 O6'
NER non-polymer '(15E)-TETRACOS-15-ENOIC ACID' 'C24 H46 O2'
OCT non-polymer N-OCTANE 'C8 H18'
SPH non-polymer SPHINGOSINE 'C18 H37 N O2'
#
# COMPACT_ATOMS: atom_id res chain seq x y z
N LEU A 4 12.02 5.69 -5.22
CA LEU A 4 11.33 4.49 -4.66
C LEU A 4 12.44 3.58 -4.12
N ALA A 5 13.47 3.38 -4.95
CA ALA A 5 14.56 2.48 -4.61
C ALA A 5 15.61 3.10 -3.68
N GLU A 6 15.36 4.31 -3.18
CA GLU A 6 16.20 4.92 -2.13
C GLU A 6 15.77 4.42 -0.75
N HIS A 7 14.55 3.86 -0.69
CA HIS A 7 14.01 3.37 0.58
C HIS A 7 13.41 1.97 0.43
N LEU A 8 14.31 1.06 0.09
CA LEU A 8 13.94 -0.31 -0.18
C LEU A 8 13.45 -0.89 1.13
N LEU A 9 12.49 -1.81 1.04
CA LEU A 9 12.11 -2.56 2.23
C LEU A 9 13.20 -3.62 2.45
N LYS A 10 13.38 -4.03 3.70
CA LYS A 10 14.32 -5.11 4.02
C LYS A 10 13.75 -6.42 3.47
N PRO A 11 14.63 -7.39 3.12
CA PRO A 11 14.15 -8.72 2.81
C PRO A 11 13.47 -9.32 4.05
N LEU A 12 12.62 -10.32 3.83
CA LEU A 12 12.06 -11.04 4.97
C LEU A 12 13.12 -11.90 5.60
N PRO A 13 13.14 -11.95 6.95
CA PRO A 13 14.04 -12.83 7.68
C PRO A 13 13.54 -14.26 7.48
N ALA A 14 14.34 -15.26 7.86
CA ALA A 14 13.95 -16.64 7.67
C ALA A 14 12.61 -17.03 8.30
N ASP A 15 12.23 -16.42 9.43
CA ASP A 15 10.97 -16.77 10.07
C ASP A 15 9.76 -15.95 9.60
N LYS A 16 9.99 -15.10 8.60
CA LYS A 16 8.93 -14.38 7.91
C LYS A 16 8.20 -13.42 8.86
N GLN A 17 8.87 -13.06 9.95
CA GLN A 17 8.31 -12.09 10.91
C GLN A 17 8.74 -10.69 10.47
N ILE A 18 7.79 -9.78 10.38
CA ILE A 18 8.13 -8.42 10.02
C ILE A 18 8.25 -7.52 11.23
N GLU A 19 9.43 -6.93 11.43
CA GLU A 19 9.61 -6.00 12.52
C GLU A 19 8.83 -4.72 12.26
N THR A 20 8.08 -4.31 13.28
CA THR A 20 7.15 -3.19 13.13
C THR A 20 7.87 -1.90 12.86
N GLY A 21 8.85 -1.58 13.71
CA GLY A 21 9.52 -0.28 13.58
C GLY A 21 10.11 -0.02 12.20
N PRO A 22 11.02 -0.89 11.73
CA PRO A 22 11.58 -0.74 10.38
C PRO A 22 10.53 -0.74 9.28
N PHE A 23 9.47 -1.54 9.40
CA PHE A 23 8.38 -1.52 8.39
C PHE A 23 7.68 -0.15 8.27
N LEU A 24 7.28 0.41 9.41
CA LEU A 24 6.64 1.72 9.43
C LEU A 24 7.56 2.80 8.90
N GLU A 25 8.85 2.72 9.23
CA GLU A 25 9.82 3.70 8.71
C GLU A 25 9.87 3.65 7.18
N ALA A 26 9.94 2.42 6.67
CA ALA A 26 10.02 2.16 5.23
C ALA A 26 8.77 2.70 4.51
N VAL A 27 7.59 2.30 4.95
CA VAL A 27 6.40 2.65 4.16
C VAL A 27 6.01 4.11 4.36
N SER A 28 6.52 4.74 5.42
CA SER A 28 6.29 6.18 5.62
C SER A 28 6.89 7.05 4.47
N HIS A 29 7.74 6.44 3.65
CA HIS A 29 8.28 7.14 2.47
C HIS A 29 7.36 7.19 1.26
N LEU A 30 6.25 6.43 1.31
CA LEU A 30 5.33 6.35 0.17
C LEU A 30 4.30 7.48 0.06
N PRO A 31 3.64 7.87 1.16
CA PRO A 31 2.65 8.94 1.09
C PRO A 31 3.13 10.24 0.41
N PRO A 32 4.38 10.67 0.69
CA PRO A 32 4.92 11.81 -0.04
C PRO A 32 4.90 11.74 -1.58
N PHE A 33 4.95 10.56 -2.18
CA PHE A 33 4.85 10.47 -3.64
C PHE A 33 3.53 11.03 -4.18
N PHE A 34 2.49 11.00 -3.34
CA PHE A 34 1.16 11.52 -3.68
C PHE A 34 1.08 13.04 -3.82
N ASP A 35 2.03 13.76 -3.22
CA ASP A 35 2.14 15.21 -3.39
C ASP A 35 2.69 15.62 -4.75
N CYS A 36 3.29 14.66 -5.45
CA CYS A 36 3.95 14.88 -6.73
C CYS A 36 3.17 14.42 -7.97
N LEU A 37 1.92 14.02 -7.79
CA LEU A 37 1.09 13.52 -8.89
C LEU A 37 0.25 14.61 -9.55
N GLY A 38 0.36 15.83 -9.02
CA GLY A 38 -0.15 17.03 -9.66
C GLY A 38 -1.63 17.26 -9.52
N SER A 39 -2.21 16.74 -8.44
CA SER A 39 -3.65 16.87 -8.19
C SER A 39 -4.04 16.86 -6.71
N PRO A 40 -4.91 17.80 -6.32
CA PRO A 40 -5.54 17.84 -5.00
C PRO A 40 -6.46 16.64 -4.75
N VAL A 41 -6.83 15.92 -5.81
CA VAL A 41 -7.58 14.69 -5.62
C VAL A 41 -6.79 13.70 -4.72
N PHE A 42 -5.46 13.80 -4.75
CA PHE A 42 -4.65 12.87 -3.96
C PHE A 42 -4.54 13.20 -2.47
N THR A 43 -5.00 14.37 -2.05
CA THR A 43 -4.84 14.74 -0.64
C THR A 43 -5.55 13.79 0.34
N PRO A 44 -6.82 13.40 0.10
CA PRO A 44 -7.43 12.47 1.06
C PRO A 44 -6.89 11.04 1.00
N ILE A 45 -6.30 10.69 -0.14
CA ILE A 45 -5.68 9.37 -0.33
C ILE A 45 -4.42 9.28 0.53
N LYS A 46 -3.58 10.31 0.39
CA LYS A 46 -2.45 10.46 1.25
C LYS A 46 -2.87 10.43 2.72
N ALA A 47 -3.93 11.12 3.12
CA ALA A 47 -4.34 11.17 4.54
C ALA A 47 -4.75 9.79 5.06
N ASP A 48 -5.43 9.02 4.22
CA ASP A 48 -5.83 7.66 4.61
C ASP A 48 -4.63 6.77 4.94
N ILE A 49 -3.68 6.77 4.00
CA ILE A 49 -2.54 5.86 4.08
C ILE A 49 -1.71 6.36 5.26
N SER A 50 -1.36 7.65 5.27
CA SER A 50 -0.59 8.18 6.41
C SER A 50 -1.31 7.97 7.72
N GLY A 51 -2.61 8.20 7.73
CA GLY A 51 -3.40 8.02 8.97
C GLY A 51 -3.31 6.62 9.56
N ASN A 52 -3.33 5.61 8.70
CA ASN A 52 -3.14 4.24 9.18
C ASN A 52 -1.75 3.94 9.68
N ILE A 53 -0.72 4.39 8.97
CA ILE A 53 0.64 4.33 9.49
C ILE A 53 0.75 4.98 10.88
N THR A 54 0.25 6.20 11.00
CA THR A 54 0.19 6.85 12.30
C THR A 54 -0.54 6.07 13.41
N LYS A 55 -1.69 5.44 13.10
CA LYS A 55 -2.46 4.62 14.02
C LYS A 55 -1.62 3.43 14.50
N ILE A 56 -0.86 2.82 13.59
CA ILE A 56 -0.07 1.65 13.97
C ILE A 56 1.12 2.10 14.81
N LYS A 57 1.80 3.15 14.34
CA LYS A 57 2.98 3.71 15.03
C LYS A 57 2.56 4.07 16.45
N ALA A 58 1.37 4.61 16.65
CA ALA A 58 0.98 4.99 18.02
C ALA A 58 0.74 3.82 18.99
N VAL A 59 0.24 2.70 18.48
CA VAL A 59 0.11 1.44 19.26
C VAL A 59 1.51 0.88 19.57
N TYR A 60 2.37 0.79 18.55
CA TYR A 60 3.79 0.38 18.71
C TYR A 60 4.51 1.18 19.79
N ASP A 61 4.35 2.50 19.73
CA ASP A 61 5.09 3.40 20.62
C ASP A 61 4.74 3.14 22.10
N THR A 62 3.56 2.62 22.37
CA THR A 62 3.15 2.35 23.76
C THR A 62 3.98 1.22 24.37
N ASN A 63 4.36 0.25 23.53
CA ASN A 63 5.16 -0.90 23.99
C ASN A 63 5.89 -1.59 22.83
N PRO A 64 7.03 -1.03 22.41
CA PRO A 64 7.82 -1.48 21.27
C PRO A 64 8.24 -2.93 21.39
N ALA A 65 8.59 -3.39 22.60
CA ALA A 65 8.90 -4.82 22.80
C ALA A 65 7.68 -5.72 22.60
N LYS A 66 6.54 -5.37 23.20
CA LYS A 66 5.34 -6.17 23.02
C LYS A 66 4.83 -6.14 21.59
N PHE A 67 5.08 -5.01 20.91
CA PHE A 67 4.65 -4.86 19.53
C PHE A 67 5.83 -4.96 18.55
N ARG A 68 6.85 -5.73 18.91
CA ARG A 68 8.10 -5.83 18.11
C ARG A 68 7.82 -6.15 16.64
N THR A 69 6.92 -7.08 16.36
CA THR A 69 6.61 -7.51 15.00
C THR A 69 5.11 -7.25 14.70
N LEU A 70 4.73 -7.30 13.43
CA LEU A 70 3.35 -7.13 13.00
C LEU A 70 2.48 -8.30 13.50
N GLN A 71 3.05 -9.49 13.44
CA GLN A 71 2.44 -10.63 14.12
C GLN A 71 2.12 -10.35 15.60
N ASN A 72 3.07 -9.81 16.35
CA ASN A 72 2.89 -9.46 17.77
C ASN A 72 1.65 -8.55 17.88
N ILE A 73 1.53 -7.56 17.00
CA ILE A 73 0.38 -6.64 17.05
C ILE A 73 -0.97 -7.36 17.04
N LEU A 74 -1.20 -8.21 16.05
CA LEU A 74 -2.44 -8.93 15.84
C LEU A 74 -2.76 -9.85 17.03
N GLU A 75 -1.75 -10.59 17.47
CA GLU A 75 -1.96 -11.55 18.58
C GLU A 75 -2.20 -10.86 19.93
N VAL A 76 -1.41 -9.81 20.24
CA VAL A 76 -1.63 -9.01 21.46
C VAL A 76 -3.02 -8.37 21.46
N GLU A 77 -3.43 -7.81 20.31
CA GLU A 77 -4.68 -7.07 20.24
C GLU A 77 -5.86 -8.03 20.34
N LYS A 78 -5.75 -9.20 19.70
CA LYS A 78 -6.73 -10.26 19.84
C LYS A 78 -6.98 -10.56 21.33
N GLU A 79 -5.91 -10.73 22.11
CA GLU A 79 -5.98 -10.99 23.55
C GLU A 79 -6.52 -9.77 24.31
N MET A 80 -6.05 -8.59 23.93
CA MET A 80 -6.33 -7.35 24.65
C MET A 80 -7.79 -6.91 24.47
N TYR A 81 -8.38 -7.20 23.33
CA TYR A 81 -9.67 -6.63 22.98
C TYR A 81 -10.86 -7.58 23.02
N GLY A 82 -10.64 -8.88 22.89
CA GLY A 82 -11.80 -9.78 22.92
C GLY A 82 -12.70 -9.61 21.71
N ALA A 83 -13.98 -9.32 21.94
CA ALA A 83 -15.03 -9.48 20.91
C ALA A 83 -15.02 -8.42 19.82
N GLU A 84 -14.33 -7.32 20.10
CA GLU A 84 -14.35 -6.17 19.22
C GLU A 84 -13.23 -6.34 18.18
N TRP A 85 -12.29 -7.22 18.49
CA TRP A 85 -11.22 -7.58 17.53
C TRP A 85 -11.73 -8.52 16.44
N PRO A 86 -11.30 -8.36 15.15
CA PRO A 86 -10.25 -7.51 14.56
C PRO A 86 -10.63 -6.10 14.11
N LYS A 87 -11.90 -5.72 14.25
CA LYS A 87 -12.35 -4.35 13.90
C LYS A 87 -11.96 -3.28 14.94
N VAL A 88 -10.69 -3.25 15.34
CA VAL A 88 -10.21 -2.35 16.38
C VAL A 88 -8.71 -2.12 16.25
N GLY A 89 -8.26 -0.99 16.80
CA GLY A 89 -6.83 -0.75 17.04
C GLY A 89 -5.91 -0.74 15.83
N ALA A 90 -4.64 -1.11 16.05
CA ALA A 90 -3.66 -1.22 14.97
C ALA A 90 -3.98 -2.35 13.99
N THR A 91 -4.66 -3.43 14.45
CA THR A 91 -5.14 -4.48 13.54
C THR A 91 -6.04 -3.93 12.43
N LEU A 92 -7.00 -3.08 12.79
CA LEU A 92 -7.87 -2.46 11.82
C LEU A 92 -7.14 -1.53 10.89
N ALA A 93 -6.23 -0.73 11.44
CA ALA A 93 -5.50 0.23 10.61
C ALA A 93 -4.63 -0.51 9.60
N LEU A 94 -3.89 -1.53 10.05
CA LEU A 94 -3.08 -2.39 9.17
C LEU A 94 -3.90 -3.15 8.12
N MET A 95 -5.14 -3.50 8.44
CA MET A 95 -5.98 -4.21 7.50
C MET A 95 -6.24 -3.27 6.31
N TRP A 96 -6.47 -1.98 6.59
CA TRP A 96 -6.66 -1.01 5.51
C TRP A 96 -5.35 -0.52 4.91
N LEU A 97 -4.30 -0.39 5.72
CA LEU A 97 -3.00 -0.03 5.15
C LEU A 97 -2.53 -1.06 4.11
N LYS A 98 -2.69 -2.34 4.42
CA LYS A 98 -2.20 -3.37 3.50
C LYS A 98 -2.86 -3.23 2.12
N ARG A 99 -4.13 -2.85 2.11
CA ARG A 99 -4.93 -2.72 0.92
C ARG A 99 -4.46 -1.49 0.13
N GLY A 100 -4.11 -0.39 0.82
CA GLY A 100 -3.47 0.73 0.10
C GLY A 100 -2.08 0.36 -0.46
N LEU A 101 -1.30 -0.38 0.32
CA LEU A 101 0.00 -0.90 -0.13
C LEU A 101 -0.11 -1.87 -1.31
N ARG A 102 -1.07 -2.79 -1.25
CA ARG A 102 -1.36 -3.71 -2.35
C ARG A 102 -1.79 -2.96 -3.58
N PHE A 103 -2.60 -1.92 -3.42
CA PHE A 103 -2.92 -1.06 -4.57
C PHE A 103 -1.66 -0.52 -5.25
N ILE A 104 -0.74 0.07 -4.49
CA ILE A 104 0.49 0.62 -5.06
C ILE A 104 1.32 -0.48 -5.74
N GLN A 105 1.37 -1.63 -5.08
CA GLN A 105 2.07 -2.78 -5.66
C GLN A 105 1.58 -3.24 -7.04
N VAL A 106 0.28 -3.50 -7.15
CA VAL A 106 -0.36 -4.01 -8.37
C VAL A 106 -0.19 -2.97 -9.47
N PHE A 107 -0.41 -1.71 -9.11
CA PHE A 107 -0.26 -0.60 -10.06
C PHE A 107 1.18 -0.54 -10.60
N LEU A 108 2.16 -0.48 -9.70
CA LEU A 108 3.54 -0.42 -10.18
C LEU A 108 3.92 -1.63 -11.04
N GLN A 109 3.54 -2.81 -10.58
CA GLN A 109 3.85 -4.07 -11.27
C GLN A 109 3.23 -4.13 -12.68
N SER A 110 1.97 -3.71 -12.77
CA SER A 110 1.28 -3.53 -14.04
C SER A 110 2.02 -2.61 -15.01
N ILE A 111 2.49 -1.50 -14.50
CA ILE A 111 3.28 -0.56 -15.31
C ILE A 111 4.56 -1.24 -15.79
N CYS A 112 5.30 -1.83 -14.87
CA CYS A 112 6.54 -2.54 -15.17
C CYS A 112 6.35 -3.71 -16.17
N ASP A 113 5.22 -4.40 -16.09
CA ASP A 113 4.95 -5.55 -16.95
C ASP A 113 4.54 -5.09 -18.34
N GLY A 114 4.50 -3.77 -18.54
CA GLY A 114 4.17 -3.24 -19.85
C GLY A 114 2.71 -3.41 -20.25
N GLU A 115 1.82 -3.54 -19.27
CA GLU A 115 0.39 -3.59 -19.55
C GLU A 115 -0.02 -2.17 -19.91
N ARG A 116 -0.84 -2.05 -20.94
CA ARG A 116 -1.25 -0.75 -21.48
C ARG A 116 -2.53 -0.91 -22.28
N ASP A 117 -3.20 0.22 -22.54
CA ASP A 117 -4.30 0.27 -23.50
C ASP A 117 -3.66 0.62 -24.85
N GLU A 118 -3.72 -0.30 -25.80
CA GLU A 118 -3.05 -0.11 -27.11
C GLU A 118 -3.54 1.20 -27.74
N ASN A 119 -4.83 1.48 -27.57
CA ASN A 119 -5.50 2.66 -28.12
C ASN A 119 -5.12 3.98 -27.44
N HIS A 120 -4.70 3.88 -26.18
CA HIS A 120 -4.31 5.05 -25.37
C HIS A 120 -3.04 4.72 -24.59
N PRO A 121 -1.92 4.58 -25.31
CA PRO A 121 -0.69 4.00 -24.76
C PRO A 121 -0.02 4.80 -23.64
N ASN A 122 -0.15 6.12 -23.67
CA ASN A 122 0.54 6.98 -22.70
C ASN A 122 -0.30 7.32 -21.46
N LEU A 123 -1.42 6.60 -21.32
CA LEU A 123 -2.29 6.72 -20.15
C LEU A 123 -1.94 5.61 -19.16
N ILE A 124 -2.35 5.77 -17.90
CA ILE A 124 -2.12 4.77 -16.86
C ILE A 124 -3.43 4.34 -16.21
N ARG A 125 -4.53 4.62 -16.90
CA ARG A 125 -5.85 4.30 -16.44
C ARG A 125 -6.14 2.79 -16.35
N VAL A 126 -5.62 2.02 -17.28
CA VAL A 126 -5.78 0.58 -17.21
C VAL A 126 -5.02 -0.03 -16.03
N ASN A 127 -3.85 0.52 -15.75
CA ASN A 127 -2.99 0.04 -14.65
C ASN A 127 -3.64 0.36 -13.30
N ALA A 128 -4.19 1.57 -13.21
CA ALA A 128 -4.85 1.98 -11.97
C ALA A 128 -6.13 1.21 -11.72
N THR A 129 -6.94 1.08 -12.78
CA THR A 129 -8.15 0.27 -12.75
C THR A 129 -7.87 -1.17 -12.33
N LYS A 130 -6.85 -1.85 -12.86
CA LYS A 130 -6.50 -3.19 -12.39
C LYS A 130 -6.19 -3.23 -10.90
N ALA A 131 -5.35 -2.29 -10.47
CA ALA A 131 -4.92 -2.17 -9.08
C ALA A 131 -6.13 -1.94 -8.16
N TYR A 132 -7.03 -1.03 -8.53
CA TYR A 132 -8.28 -0.83 -7.80
C TYR A 132 -9.10 -2.12 -7.68
N GLU A 133 -9.35 -2.76 -8.82
CA GLU A 133 -10.13 -4.01 -8.80
C GLU A 133 -9.51 -5.06 -7.90
N MET A 134 -8.18 -5.17 -7.94
CA MET A 134 -7.54 -6.24 -7.21
C MET A 134 -7.36 -5.96 -5.72
N ALA A 135 -7.22 -4.70 -5.35
CA ALA A 135 -6.89 -4.36 -3.97
C ALA A 135 -8.02 -3.69 -3.16
N LEU A 136 -8.85 -2.89 -3.82
CA LEU A 136 -9.74 -2.02 -3.07
C LEU A 136 -11.23 -2.26 -3.33
N LYS A 137 -11.58 -2.44 -4.60
CA LYS A 137 -12.97 -2.38 -5.09
C LYS A 137 -13.95 -3.22 -4.28
N LYS A 138 -13.54 -4.40 -3.84
CA LYS A 138 -14.53 -5.22 -3.17
C LYS A 138 -14.92 -4.71 -1.77
N TYR A 139 -14.21 -3.70 -1.27
CA TYR A 139 -14.43 -3.17 0.07
C TYR A 139 -15.07 -1.79 0.02
N HIS A 140 -15.43 -1.38 -1.19
CA HIS A 140 -16.12 -0.12 -1.43
C HIS A 140 -17.57 -0.32 -1.90
N GLY A 141 -18.48 0.42 -1.28
CA GLY A 141 -19.83 0.54 -1.81
C GLY A 141 -19.90 1.34 -3.09
N TRP A 142 -21.10 1.50 -3.63
CA TRP A 142 -21.21 2.08 -4.95
C TRP A 142 -20.80 3.54 -5.00
N ILE A 143 -21.02 4.29 -3.92
CA ILE A 143 -20.63 5.72 -3.93
C ILE A 143 -19.12 5.92 -4.08
N VAL A 144 -18.34 5.21 -3.26
CA VAL A 144 -16.88 5.35 -3.27
C VAL A 144 -16.34 4.86 -4.63
N GLN A 145 -16.91 3.77 -5.13
CA GLN A 145 -16.57 3.29 -6.47
C GLN A 145 -16.78 4.36 -7.54
N LYS A 146 -17.90 5.06 -7.47
CA LYS A 146 -18.12 6.20 -8.34
C LYS A 146 -17.10 7.33 -8.20
N ILE A 147 -16.69 7.64 -6.97
CA ILE A 147 -15.62 8.61 -6.72
C ILE A 147 -14.27 8.16 -7.30
N PHE A 148 -13.95 6.87 -7.14
CA PHE A 148 -12.76 6.34 -7.81
C PHE A 148 -12.82 6.56 -9.34
N GLN A 149 -13.97 6.30 -9.94
CA GLN A 149 -14.09 6.49 -11.40
C GLN A 149 -13.84 7.94 -11.80
N ALA A 150 -14.16 8.88 -10.92
CA ALA A 150 -14.00 10.30 -11.22
C ALA A 150 -12.54 10.66 -11.03
N ALA A 151 -11.96 10.13 -9.95
CA ALA A 151 -10.60 10.46 -9.57
C ALA A 151 -9.64 9.89 -10.61
N LEU A 152 -10.04 8.82 -11.28
CA LEU A 152 -9.22 8.18 -12.31
C LEU A 152 -8.80 9.23 -13.34
N TYR A 153 -9.65 10.22 -13.55
CA TYR A 153 -9.36 11.24 -14.55
C TYR A 153 -8.26 12.22 -14.18
N ALA A 154 -7.84 12.16 -12.92
CA ALA A 154 -6.71 12.95 -12.42
C ALA A 154 -5.34 12.28 -12.57
N ALA A 155 -5.30 11.03 -13.02
CA ALA A 155 -4.04 10.32 -13.32
C ALA A 155 -3.12 11.10 -14.28
N PRO A 156 -1.81 11.17 -13.97
CA PRO A 156 -0.91 11.76 -14.97
C PRO A 156 -0.70 10.83 -16.17
N TYR A 157 -0.11 11.36 -17.24
CA TYR A 157 0.26 10.53 -18.39
C TYR A 157 1.37 9.59 -17.90
N LYS A 158 1.49 8.42 -18.52
CA LYS A 158 2.55 7.48 -18.13
C LYS A 158 3.93 8.12 -18.13
N SER A 159 4.29 8.72 -19.26
CA SER A 159 5.59 9.36 -19.39
C SER A 159 5.83 10.41 -18.30
N ASP A 160 4.77 11.12 -17.92
CA ASP A 160 4.86 12.15 -16.88
C ASP A 160 5.02 11.57 -15.48
N PHE A 161 4.28 10.49 -15.22
CA PHE A 161 4.38 9.74 -13.97
C PHE A 161 5.81 9.29 -13.69
N LEU A 162 6.47 8.76 -14.73
CA LEU A 162 7.72 8.05 -14.53
C LEU A 162 8.82 9.09 -14.32
N LYS A 163 8.70 10.15 -15.11
CA LYS A 163 9.51 11.33 -14.96
C LYS A 163 9.43 11.88 -13.53
N ALA A 164 8.23 11.93 -12.96
CA ALA A 164 8.05 12.36 -11.57
C ALA A 164 8.74 11.47 -10.53
N LEU A 165 8.84 10.17 -10.81
CA LEU A 165 9.56 9.27 -9.91
C LEU A 165 11.07 9.35 -10.18
N SER A 166 11.48 10.04 -11.23
CA SER A 166 12.89 10.21 -11.58
C SER A 166 13.31 11.68 -11.76
N GLN A 169 16.74 12.90 -10.82
CA GLN A 169 17.78 12.27 -11.61
C GLN A 169 17.47 12.49 -13.10
N ASN A 170 18.49 12.33 -13.94
CA ASN A 170 18.29 12.33 -15.39
C ASN A 170 18.64 10.93 -15.90
N VAL A 171 17.58 10.15 -16.10
CA VAL A 171 17.62 8.69 -16.22
C VAL A 171 16.57 8.34 -17.30
N THR A 172 16.77 7.27 -18.07
CA THR A 172 15.80 6.95 -19.12
C THR A 172 14.58 6.32 -18.46
N GLU A 173 13.49 6.26 -19.20
CA GLU A 173 12.33 5.56 -18.71
C GLU A 173 12.67 4.09 -18.37
N GLU A 174 13.50 3.48 -19.19
CA GLU A 174 13.84 2.05 -19.02
C GLU A 174 14.57 1.87 -17.68
N GLU A 175 15.51 2.77 -17.42
CA GLU A 175 16.23 2.84 -16.14
C GLU A 175 15.30 3.01 -14.96
N CYS A 176 14.39 3.98 -15.06
CA CYS A 176 13.39 4.21 -14.02
C CYS A 176 12.60 2.94 -13.69
N LEU A 177 12.06 2.30 -14.73
CA LEU A 177 11.31 1.06 -14.54
C LEU A 177 12.16 -0.06 -13.92
N GLU A 178 13.42 -0.19 -14.33
CA GLU A 178 14.28 -1.17 -13.69
C GLU A 178 14.41 -0.91 -12.19
N LYS A 179 14.44 0.36 -11.77
CA LYS A 179 14.55 0.65 -10.34
C LYS A 179 13.24 0.39 -9.58
N ILE A 180 12.12 0.66 -10.26
CA ILE A 180 10.82 0.27 -9.75
C ILE A 180 10.72 -1.25 -9.58
N ARG A 181 11.19 -2.01 -10.57
CA ARG A 181 11.28 -3.48 -10.41
C ARG A 181 12.05 -3.93 -9.18
N LEU A 182 13.19 -3.29 -8.91
CA LEU A 182 14.05 -3.56 -7.75
C LEU A 182 13.24 -3.33 -6.46
N PHE A 183 12.66 -2.14 -6.32
CA PHE A 183 11.75 -1.87 -5.21
C PHE A 183 10.64 -2.91 -4.98
N LEU A 184 9.98 -3.37 -6.05
CA LEU A 184 8.85 -4.27 -6.00
C LEU A 184 9.23 -5.62 -5.40
N VAL A 185 10.51 -5.99 -5.40
CA VAL A 185 10.85 -7.36 -4.94
C VAL A 185 10.48 -7.56 -3.47
N ASN A 186 11.12 -6.78 -2.60
CA ASN A 186 10.88 -6.95 -1.17
C ASN A 186 9.53 -6.32 -0.78
N TYR A 187 9.13 -5.27 -1.49
CA TYR A 187 7.81 -4.69 -1.22
C TYR A 187 6.70 -5.75 -1.37
N THR A 188 6.71 -6.41 -2.52
CA THR A 188 5.70 -7.43 -2.83
C THR A 188 5.74 -8.57 -1.81
N ALA A 189 6.96 -9.05 -1.55
CA ALA A 189 7.17 -10.15 -0.62
C ALA A 189 6.56 -9.81 0.74
N THR A 190 6.79 -8.58 1.20
CA THR A 190 6.35 -8.10 2.50
C THR A 190 4.83 -8.01 2.55
N ILE A 191 4.21 -7.41 1.55
CA ILE A 191 2.77 -7.31 1.54
C ILE A 191 2.11 -8.69 1.51
N ASP A 192 2.63 -9.58 0.64
CA ASP A 192 2.17 -10.97 0.67
C ASP A 192 2.17 -11.59 2.07
N VAL A 193 3.25 -11.44 2.84
CA VAL A 193 3.37 -11.99 4.21
C VAL A 193 2.28 -11.35 5.11
N ILE A 194 2.12 -10.03 4.99
CA ILE A 194 1.03 -9.37 5.73
C ILE A 194 -0.34 -9.97 5.39
N TYR A 195 -0.62 -10.17 4.11
CA TYR A 195 -1.93 -10.68 3.73
C TYR A 195 -2.10 -12.09 4.27
N GLU A 196 -1.03 -12.88 4.15
CA GLU A 196 -1.08 -14.25 4.65
C GLU A 196 -1.37 -14.28 6.16
N MET A 197 -0.73 -13.38 6.89
CA MET A 197 -0.94 -13.23 8.32
C MET A 197 -2.37 -12.94 8.67
N TYR A 198 -3.05 -12.10 7.88
CA TYR A 198 -4.44 -11.78 8.16
C TYR A 198 -5.32 -13.01 7.96
N THR A 199 -4.98 -13.77 6.93
CA THR A 199 -5.71 -15.00 6.61
C THR A 199 -5.51 -16.02 7.71
N GLN A 200 -4.27 -16.24 8.15
CA GLN A 200 -3.99 -17.24 9.17
C GLN A 200 -4.65 -16.90 10.49
N MET A 201 -4.71 -15.61 10.79
CA MET A 201 -5.17 -15.12 12.08
C MET A 201 -6.69 -14.93 12.06
N ASN A 202 -7.29 -15.16 10.90
CA ASN A 202 -8.70 -14.92 10.61
C ASN A 202 -9.07 -13.48 10.99
N ALA A 203 -8.16 -12.56 10.68
CA ALA A 203 -8.31 -11.14 11.04
C ALA A 203 -8.87 -10.29 9.90
N GLU A 204 -9.00 -10.86 8.69
CA GLU A 204 -9.57 -10.15 7.55
C GLU A 204 -11.07 -9.94 7.69
N LEU A 205 -11.53 -8.72 7.42
CA LEU A 205 -12.96 -8.38 7.36
C LEU A 205 -13.34 -7.96 5.93
N ASN A 206 -14.58 -8.20 5.49
CA ASN A 206 -14.98 -7.81 4.14
C ASN A 206 -16.07 -6.74 4.11
N TYR A 207 -16.34 -6.10 5.24
CA TYR A 207 -17.29 -5.01 5.20
C TYR A 207 -16.91 -3.93 4.17
N LYS A 208 -17.91 -3.36 3.52
CA LYS A 208 -17.71 -2.30 2.51
C LYS A 208 -17.85 -0.93 3.18
N VAL A 209 -17.22 0.08 2.59
CA VAL A 209 -17.41 1.44 3.07
C VAL A 209 -18.18 2.33 2.10
C1 GAL B . -10.61 3.12 6.65
C2 GAL B . -9.42 3.75 7.38
C3 GAL B . -9.19 3.06 8.72
C4 GAL B . -10.48 3.00 9.54
C5 GAL B . -11.58 2.41 8.68
C6 GAL B . -12.92 2.30 9.44
O1 GAL B . -10.87 3.77 5.45
O2 GAL B . -8.33 3.61 6.50
O3 GAL B . -8.22 3.75 9.48
O4 GAL B . -10.76 4.32 9.98
O5 GAL B . -11.78 3.10 7.46
O6 GAL B . -13.81 1.50 8.69
C1 SPH C . -11.64 3.20 4.50
C2 SPH C . -11.32 3.81 3.13
N2 SPH C . -9.91 3.49 2.92
C3 SPH C . -11.65 5.31 3.02
O3 SPH C . -13.05 5.46 3.42
C4 SPH C . -11.27 5.98 1.68
C5 SPH C . -10.37 6.95 1.49
C6 SPH C . -10.29 7.94 0.30
C7 SPH C . -11.26 9.15 0.26
C8 SPH C . -12.63 8.92 -0.39
C9 SPH C . -13.87 9.76 -0.02
C10 SPH C . -14.19 10.97 -0.90
C11 SPH C . -15.28 11.92 -0.39
C12 SPH C . -15.07 13.35 -0.88
C13 SPH C . -16.38 14.11 -1.05
C14 SPH C . -16.12 15.56 -1.45
C15 SPH C . -17.37 16.26 -1.97
C16 SPH C . -17.08 17.32 -3.04
C17 SPH C . -16.54 18.65 -2.51
C18 SPH C . -17.65 19.54 -1.99
O1 NER D . -10.12 2.50 0.94
C1 NER D . -9.26 2.93 2.00
C2 NER D . -7.82 2.79 1.53
C3 NER D . -7.47 3.86 0.51
C4 NER D . -6.12 3.45 -0.07
C5 NER D . -5.83 4.16 -1.39
C6 NER D . -4.62 3.54 -2.09
C7 NER D . -4.20 4.43 -3.25
C8 NER D . -5.42 4.68 -4.13
C9 NER D . -5.05 5.63 -5.25
C10 NER D . -6.27 5.78 -6.16
C11 NER D . -6.13 6.97 -7.11
C12 NER D . -6.68 6.61 -8.49
C13 NER D . -6.60 7.75 -9.49
C14 NER D . -5.21 8.08 -10.03
C15 NER D . -4.55 6.91 -10.76
C16 NER D . -3.27 6.50 -10.67
C17 NER D . -2.15 7.07 -9.81
C18 NER D . -1.63 6.00 -8.87
C19 NER D . -0.41 6.47 -8.08
C20 NER D . -0.23 5.69 -6.79
C21 NER D . 1.24 5.32 -6.57
C22 NER D . 1.93 6.22 -5.55
C23 NER D . 3.44 5.97 -5.62
C24 NER D . 3.95 5.31 -4.36
C1 OCT E . 7.46 5.66 11.30
C2 OCT E . 6.03 6.01 10.89
C3 OCT E . 5.71 7.50 11.04
C4 OCT E . 4.23 7.86 10.97
C5 OCT E . 3.95 8.63 9.68
C6 OCT E . 2.51 8.63 9.15
C7 OCT E . 2.54 9.36 7.81
C8 OCT E . 2.94 8.60 6.58
#